data_6Z7C
#
_entry.id   6Z7C
#
_cell.length_a   46.945
_cell.length_b   70.919
_cell.length_c   130.503
_cell.angle_alpha   90.000
_cell.angle_beta   90.000
_cell.angle_gamma   90.000
#
_symmetry.space_group_name_H-M   'P 21 21 2'
#
loop_
_entity.id
_entity.type
_entity.pdbx_description
1 polymer 'Variant surface glycoprotein Sur'
2 branched alpha-D-mannopyranose-(1-2)-alpha-D-mannopyranose-(1-3)-[alpha-D-mannopyranose-(1-3)-alpha-D-mannopyranose-(1-6)]beta-D-mannopyranose-(1-4)-2-acetamido-2-deoxy-beta-D-glucopyranose-(1-4)-2-acetamido-2-deoxy-beta-D-glucopyranose
3 water water
#
_entity_poly.entity_id   1
_entity_poly.type   'polypeptide(L)'
_entity_poly.pdbx_seq_one_letter_code
;MQAVTRFFRHLITLTAVALLAAFLDTVNAAKDTAAGHVTTPCTEILFDLTLAKHYENQIQAAESALNRNYAAIRSWTLLE
AMSSDGNRQNAYTGLIAYGIQITVNAEQELQGPKQTKLRAAAALRHRAANLSAALQIQAAQQATLTKPTAGGAQTPFSGA
TGTCKYEGITATAGEQSCKYSTEDEEKINAAHMNPEVMTQITTIGDKYLTTITLDAIAGSKGNPTQSSATYAEQDCQDGG
NPGPNFGGANALGLQVTKLGTKATTEKTNLYTAGGTECEHQPGNGPQKTKQRLAYLVCEANKAAIITPTDLQTLTLDALI
SAPEMAAIGDALLTDEPATEKEYSSAQHTQIQQLLKKAYGQTNEQFQKNFIKPLAAQTVKFKIGGAEVSNTVAALMSSPN
SGLALAYHKGKNKLQHQVKPDTPLVESKKGSECQVIEDKEKCKTTYGCELKGDKCVVKMTTKGEVTGTQNTTGSNSFVIK
KAPLLLAFLLF
;
_entity_poly.pdbx_strand_id   A
#
# COMPACT_ATOMS: atom_id res chain seq x y z
N ALA A 30 -12.15 15.01 12.86
CA ALA A 30 -11.94 13.87 13.74
C ALA A 30 -10.66 13.14 13.36
N LYS A 31 -9.98 12.57 14.34
CA LYS A 31 -8.69 11.93 14.11
C LYS A 31 -8.82 10.42 14.20
N ASP A 32 -7.99 9.73 13.41
CA ASP A 32 -7.78 8.29 13.51
C ASP A 32 -9.07 7.49 13.30
N THR A 33 -9.94 7.97 12.41
CA THR A 33 -11.11 7.18 12.03
C THR A 33 -10.70 5.82 11.47
N ALA A 34 -9.70 5.80 10.56
CA ALA A 34 -9.31 4.55 9.92
C ALA A 34 -8.58 3.63 10.88
N ALA A 35 -7.56 4.13 11.58
CA ALA A 35 -6.82 3.29 12.52
C ALA A 35 -7.71 2.81 13.65
N GLY A 36 -8.66 3.65 14.10
CA GLY A 36 -9.56 3.27 15.16
C GLY A 36 -10.55 2.19 14.79
N HIS A 37 -10.63 1.87 13.51
CA HIS A 37 -11.46 0.77 13.04
C HIS A 37 -10.70 -0.54 12.92
N VAL A 38 -9.40 -0.53 13.23
CA VAL A 38 -8.58 -1.72 13.17
C VAL A 38 -8.72 -2.45 14.50
N THR A 39 -9.40 -3.58 14.48
CA THR A 39 -9.64 -4.38 15.68
C THR A 39 -9.37 -5.86 15.47
N THR A 40 -8.97 -6.27 14.25
CA THR A 40 -8.79 -7.66 13.88
C THR A 40 -7.64 -7.75 12.90
N PRO A 41 -7.04 -8.93 12.74
CA PRO A 41 -6.04 -9.11 11.67
C PRO A 41 -6.57 -8.65 10.31
N CYS A 42 -7.80 -9.01 9.95
CA CYS A 42 -8.32 -8.65 8.64
C CYS A 42 -8.45 -7.14 8.48
N THR A 43 -8.88 -6.44 9.54
CA THR A 43 -8.97 -4.98 9.38
C THR A 43 -7.59 -4.33 9.40
N GLU A 44 -6.60 -4.90 10.09
CA GLU A 44 -5.25 -4.34 9.94
C GLU A 44 -4.73 -4.55 8.53
N ILE A 45 -4.94 -5.74 7.97
CA ILE A 45 -4.57 -5.97 6.57
C ILE A 45 -5.23 -4.93 5.67
N LEU A 46 -6.54 -4.68 5.86
CA LEU A 46 -7.21 -3.69 5.03
C LEU A 46 -6.60 -2.30 5.20
N PHE A 47 -6.33 -1.90 6.46
CA PHE A 47 -5.69 -0.61 6.70
C PHE A 47 -4.33 -0.52 5.99
N ASP A 48 -3.49 -1.54 6.17
CA ASP A 48 -2.14 -1.49 5.62
C ASP A 48 -2.17 -1.40 4.09
N LEU A 49 -3.01 -2.21 3.46
CA LEU A 49 -3.10 -2.21 1.99
C LEU A 49 -3.72 -0.91 1.49
N THR A 50 -4.71 -0.38 2.20
CA THR A 50 -5.37 0.85 1.77
C THR A 50 -4.44 2.05 1.90
N LEU A 51 -3.65 2.11 2.97
CA LEU A 51 -2.69 3.20 3.12
C LEU A 51 -1.58 3.09 2.08
N ALA A 52 -1.07 1.88 1.84
CA ALA A 52 -0.05 1.71 0.80
C ALA A 52 -0.57 2.17 -0.56
N LYS A 53 -1.79 1.75 -0.91
CA LYS A 53 -2.37 2.18 -2.18
C LYS A 53 -2.53 3.69 -2.22
N HIS A 54 -2.89 4.30 -1.09
CA HIS A 54 -3.00 5.77 -1.00
C HIS A 54 -1.67 6.43 -1.36
N TYR A 55 -0.58 6.00 -0.71
CA TYR A 55 0.74 6.56 -1.03
C TYR A 55 1.08 6.34 -2.50
N GLU A 56 0.86 5.13 -3.00
CA GLU A 56 1.14 4.84 -4.40
C GLU A 56 0.30 5.74 -5.32
N ASN A 57 -0.97 5.96 -4.98
CA ASN A 57 -1.83 6.79 -5.81
C ASN A 57 -1.41 8.25 -5.78
N GLN A 58 -0.90 8.72 -4.64
CA GLN A 58 -0.38 10.09 -4.58
C GLN A 58 0.74 10.28 -5.57
N ILE A 59 1.65 9.31 -5.68
CA ILE A 59 2.76 9.40 -6.62
C ILE A 59 2.26 9.33 -8.05
N GLN A 60 1.37 8.37 -8.32
CA GLN A 60 0.81 8.25 -9.66
C GLN A 60 0.12 9.53 -10.09
N ALA A 61 -0.64 10.16 -9.20
CA ALA A 61 -1.34 11.39 -9.54
C ALA A 61 -0.35 12.50 -9.85
N ALA A 62 0.70 12.63 -9.04
CA ALA A 62 1.72 13.64 -9.32
C ALA A 62 2.40 13.38 -10.65
N GLU A 63 2.75 12.13 -10.91
CA GLU A 63 3.44 11.82 -12.17
C GLU A 63 2.51 12.01 -13.37
N SER A 64 1.21 11.75 -13.21
CA SER A 64 0.28 12.05 -14.28
CA SER A 64 0.26 12.06 -14.28
C SER A 64 0.21 13.55 -14.56
N ALA A 65 0.23 14.36 -13.49
CA ALA A 65 0.24 15.81 -13.67
C ALA A 65 1.48 16.27 -14.43
N LEU A 66 2.65 15.71 -14.10
CA LEU A 66 3.87 16.03 -14.84
C LEU A 66 3.73 15.65 -16.31
N ASN A 67 3.23 14.45 -16.58
CA ASN A 67 3.14 14.00 -17.96
C ASN A 67 2.15 14.83 -18.77
N ARG A 68 1.05 15.27 -18.12
CA ARG A 68 0.16 16.22 -18.78
C ARG A 68 0.89 17.52 -19.10
N ASN A 69 1.73 17.98 -18.17
CA ASN A 69 2.47 19.22 -18.42
C ASN A 69 3.47 19.04 -19.55
N TYR A 70 4.16 17.90 -19.60
CA TYR A 70 5.11 17.68 -20.69
C TYR A 70 4.40 17.58 -22.03
N ALA A 71 3.22 16.96 -22.05
CA ALA A 71 2.44 16.89 -23.28
C ALA A 71 2.00 18.29 -23.74
N ALA A 72 1.68 19.17 -22.79
CA ALA A 72 1.31 20.54 -23.15
C ALA A 72 2.50 21.29 -23.73
N ILE A 73 3.69 21.07 -23.19
CA ILE A 73 4.88 21.72 -23.72
C ILE A 73 5.14 21.26 -25.16
N ARG A 74 5.02 19.96 -25.42
CA ARG A 74 5.16 19.47 -26.79
C ARG A 74 4.12 20.09 -27.72
N SER A 75 2.89 20.28 -27.23
CA SER A 75 1.85 20.88 -28.05
C SER A 75 2.18 22.32 -28.38
N TRP A 76 2.57 23.11 -27.38
CA TRP A 76 2.92 24.50 -27.64
C TRP A 76 4.15 24.60 -28.53
N THR A 77 5.07 23.63 -28.45
CA THR A 77 6.22 23.61 -29.34
C THR A 77 5.78 23.49 -30.80
N LEU A 78 4.80 22.63 -31.09
CA LEU A 78 4.31 22.53 -32.45
C LEU A 78 3.60 23.79 -32.89
N LEU A 79 2.78 24.37 -32.00
CA LEU A 79 2.08 25.60 -32.34
C LEU A 79 3.05 26.75 -32.59
N GLU A 80 4.15 26.79 -31.85
CA GLU A 80 5.16 27.82 -32.10
C GLU A 80 5.76 27.67 -33.50
N ALA A 81 6.00 26.44 -33.93
CA ALA A 81 6.52 26.19 -35.27
C ALA A 81 5.50 26.50 -36.36
N MET A 82 4.22 26.48 -36.04
CA MET A 82 3.17 26.73 -37.02
C MET A 82 2.74 28.19 -37.10
N SER A 83 3.31 29.05 -36.27
CA SER A 83 2.92 30.46 -36.25
C SER A 83 3.74 31.26 -37.24
N SER A 84 3.10 32.28 -37.83
CA SER A 84 3.77 33.23 -38.70
C SER A 84 4.14 34.52 -38.00
N ASP A 85 3.38 34.89 -36.97
CA ASP A 85 3.59 36.16 -36.28
C ASP A 85 4.69 36.03 -35.25
N GLY A 86 5.61 36.99 -35.23
CA GLY A 86 6.71 36.95 -34.27
C GLY A 86 6.23 37.02 -32.83
N ASN A 87 5.32 37.96 -32.54
CA ASN A 87 4.88 38.14 -31.17
C ASN A 87 4.00 36.97 -30.70
N ARG A 88 3.28 36.34 -31.62
CA ARG A 88 2.54 35.13 -31.25
C ARG A 88 3.50 33.96 -31.05
N GLN A 89 4.59 33.92 -31.80
CA GLN A 89 5.62 32.92 -31.56
C GLN A 89 6.25 33.10 -30.19
N ASN A 90 6.57 34.35 -29.83
CA ASN A 90 7.14 34.60 -28.51
C ASN A 90 6.15 34.26 -27.42
N ALA A 91 4.84 34.41 -27.68
CA ALA A 91 3.83 34.04 -26.69
C ALA A 91 3.88 32.55 -26.40
N TYR A 92 3.90 31.72 -27.46
CA TYR A 92 4.03 30.28 -27.25
C TYR A 92 5.34 29.94 -26.57
N THR A 93 6.43 30.65 -26.93
CA THR A 93 7.71 30.42 -26.28
C THR A 93 7.63 30.72 -24.79
N GLY A 94 6.86 31.73 -24.42
CA GLY A 94 6.68 32.02 -23.00
C GLY A 94 6.00 30.89 -22.27
N LEU A 95 4.98 30.27 -22.90
CA LEU A 95 4.32 29.14 -22.28
C LEU A 95 5.25 27.93 -22.22
N ILE A 96 6.04 27.71 -23.27
CA ILE A 96 7.01 26.63 -23.26
C ILE A 96 8.01 26.83 -22.12
N ALA A 97 8.58 28.03 -22.01
CA ALA A 97 9.57 28.30 -20.98
C ALA A 97 8.96 28.16 -19.59
N TYR A 98 7.79 28.75 -19.38
CA TYR A 98 7.09 28.60 -18.11
C TYR A 98 6.83 27.13 -17.80
N GLY A 99 6.32 26.40 -18.79
CA GLY A 99 6.00 25.00 -18.56
C GLY A 99 7.23 24.17 -18.21
N ILE A 100 8.32 24.35 -18.96
CA ILE A 100 9.54 23.59 -18.67
C ILE A 100 10.03 23.91 -17.26
N GLN A 101 10.05 25.19 -16.90
CA GLN A 101 10.58 25.58 -15.59
C GLN A 101 9.80 24.90 -14.47
N ILE A 102 8.48 25.09 -14.41
CA ILE A 102 7.74 24.57 -13.27
C ILE A 102 7.67 23.05 -13.30
N THR A 103 7.70 22.43 -14.47
CA THR A 103 7.52 20.98 -14.51
C THR A 103 8.82 20.25 -14.21
N VAL A 104 9.93 20.72 -14.76
CA VAL A 104 11.23 20.17 -14.40
C VAL A 104 11.46 20.31 -12.91
N ASN A 105 11.14 21.48 -12.35
N ASN A 105 11.14 21.48 -12.35
CA ASN A 105 11.33 21.70 -10.92
CA ASN A 105 11.33 21.70 -10.92
C ASN A 105 10.45 20.79 -10.09
C ASN A 105 10.46 20.76 -10.10
N ALA A 106 9.18 20.65 -10.47
CA ALA A 106 8.28 19.77 -9.74
C ALA A 106 8.73 18.32 -9.82
N GLU A 107 9.25 17.91 -10.98
CA GLU A 107 9.72 16.53 -11.11
C GLU A 107 10.92 16.29 -10.21
N GLN A 108 11.85 17.24 -10.14
CA GLN A 108 12.99 17.08 -9.23
C GLN A 108 12.52 17.07 -7.78
N GLU A 109 11.61 17.98 -7.41
CA GLU A 109 11.14 18.04 -6.03
C GLU A 109 10.30 16.82 -5.63
N LEU A 110 9.73 16.10 -6.60
CA LEU A 110 8.91 14.93 -6.31
C LEU A 110 9.73 13.77 -5.77
N GLN A 111 11.02 13.70 -6.12
CA GLN A 111 11.78 12.47 -5.96
C GLN A 111 11.96 12.09 -4.50
N GLY A 112 12.27 13.04 -3.64
CA GLY A 112 12.38 12.78 -2.22
C GLY A 112 11.10 12.21 -1.63
N PRO A 113 10.00 12.96 -1.72
CA PRO A 113 8.72 12.44 -1.23
C PRO A 113 8.32 11.12 -1.88
N LYS A 114 8.56 10.96 -3.18
CA LYS A 114 8.27 9.69 -3.84
C LYS A 114 8.96 8.53 -3.14
N GLN A 115 10.27 8.66 -2.88
CA GLN A 115 10.99 7.54 -2.28
C GLN A 115 10.53 7.29 -0.85
N THR A 116 10.24 8.37 -0.11
CA THR A 116 9.76 8.21 1.27
C THR A 116 8.41 7.52 1.30
N LYS A 117 7.48 7.95 0.44
CA LYS A 117 6.17 7.30 0.37
C LYS A 117 6.28 5.85 -0.12
N LEU A 118 7.17 5.59 -1.09
CA LEU A 118 7.30 4.22 -1.57
C LEU A 118 7.88 3.30 -0.50
N ARG A 119 8.82 3.80 0.30
CA ARG A 119 9.36 3.00 1.40
C ARG A 119 8.24 2.56 2.33
N ALA A 120 7.32 3.49 2.67
CA ALA A 120 6.21 3.15 3.55
C ALA A 120 5.23 2.19 2.88
N ALA A 121 4.89 2.43 1.61
CA ALA A 121 3.97 1.52 0.92
C ALA A 121 4.52 0.12 0.85
N ALA A 122 5.82 -0.02 0.54
CA ALA A 122 6.43 -1.34 0.47
C ALA A 122 6.36 -2.05 1.82
N ALA A 123 6.66 -1.33 2.90
CA ALA A 123 6.63 -1.94 4.22
C ALA A 123 5.20 -2.32 4.61
N LEU A 124 4.23 -1.45 4.31
CA LEU A 124 2.85 -1.77 4.64
C LEU A 124 2.36 -3.00 3.88
N ARG A 125 2.72 -3.12 2.60
CA ARG A 125 2.34 -4.32 1.87
C ARG A 125 3.05 -5.54 2.42
N HIS A 126 4.31 -5.38 2.84
CA HIS A 126 5.08 -6.47 3.44
C HIS A 126 4.40 -6.95 4.72
N ARG A 127 4.01 -6.01 5.58
CA ARG A 127 3.29 -6.33 6.80
C ARG A 127 1.97 -7.04 6.51
N ALA A 128 1.19 -6.51 5.57
CA ALA A 128 -0.10 -7.12 5.23
C ALA A 128 0.09 -8.56 4.76
N ALA A 129 1.13 -8.82 3.95
CA ALA A 129 1.43 -10.19 3.54
C ALA A 129 1.72 -11.05 4.75
N ASN A 130 2.64 -10.61 5.61
CA ASN A 130 2.98 -11.34 6.83
C ASN A 130 1.74 -11.72 7.61
N LEU A 131 0.87 -10.74 7.84
CA LEU A 131 -0.31 -10.96 8.68
C LEU A 131 -1.28 -11.94 8.03
N SER A 132 -1.44 -11.85 6.70
CA SER A 132 -2.33 -12.77 6.00
CA SER A 132 -2.31 -12.77 6.00
C SER A 132 -1.82 -14.20 6.10
N ALA A 133 -0.49 -14.39 6.01
CA ALA A 133 0.10 -15.72 6.14
C ALA A 133 -0.06 -16.25 7.55
N ALA A 134 0.16 -15.39 8.55
CA ALA A 134 -0.05 -15.79 9.93
C ALA A 134 -1.51 -16.14 10.18
N LEU A 135 -2.42 -15.35 9.62
CA LEU A 135 -3.85 -15.63 9.75
C LEU A 135 -4.19 -17.04 9.26
N GLN A 136 -3.63 -17.44 8.12
CA GLN A 136 -3.92 -18.77 7.59
C GLN A 136 -3.46 -19.86 8.57
N ILE A 137 -2.28 -19.69 9.15
CA ILE A 137 -1.75 -20.68 10.09
C ILE A 137 -2.52 -20.64 11.40
N GLN A 138 -2.88 -19.44 11.89
CA GLN A 138 -3.59 -19.39 13.17
C GLN A 138 -5.02 -19.89 13.05
N ALA A 139 -5.53 -20.07 11.82
CA ALA A 139 -6.84 -20.66 11.61
C ALA A 139 -6.82 -22.19 11.71
N ALA A 140 -5.64 -22.80 11.74
CA ALA A 140 -5.53 -24.26 11.83
C ALA A 140 -5.72 -24.64 13.28
N GLN A 141 -7.00 -24.83 13.66
CA GLN A 141 -7.36 -24.93 15.06
C GLN A 141 -7.90 -26.30 15.44
N GLN A 142 -8.01 -27.23 14.49
CA GLN A 142 -8.44 -28.59 14.77
C GLN A 142 -7.35 -29.56 14.35
N ALA A 143 -6.97 -30.45 15.26
CA ALA A 143 -5.89 -31.40 15.00
C ALA A 143 -6.42 -32.69 14.40
N THR A 144 -5.62 -33.30 13.54
CA THR A 144 -5.83 -34.65 13.04
C THR A 144 -4.85 -35.56 13.76
N LEU A 145 -5.38 -36.49 14.56
CA LEU A 145 -4.53 -37.45 15.26
C LEU A 145 -4.04 -38.54 14.32
N THR A 146 -2.79 -38.96 14.52
CA THR A 146 -2.27 -40.14 13.86
C THR A 146 -2.45 -41.37 14.74
N LYS A 147 -2.23 -42.54 14.15
CA LYS A 147 -2.30 -43.79 14.91
C LYS A 147 -1.08 -43.87 15.83
N PRO A 148 -1.27 -44.05 17.14
CA PRO A 148 -0.13 -44.04 18.06
C PRO A 148 0.57 -45.38 18.13
N THR A 149 1.67 -45.38 18.87
CA THR A 149 2.43 -46.59 19.18
C THR A 149 2.54 -46.72 20.68
N ALA A 150 2.18 -47.88 21.20
CA ALA A 150 2.23 -48.12 22.64
C ALA A 150 3.66 -48.46 23.08
N GLY A 151 3.96 -48.16 24.32
CA GLY A 151 5.25 -48.53 24.87
C GLY A 151 5.20 -48.59 26.38
N GLY A 152 6.34 -48.95 26.95
CA GLY A 152 6.57 -48.88 28.38
C GLY A 152 7.21 -47.56 28.76
N ALA A 153 8.14 -47.62 29.71
CA ALA A 153 8.96 -46.44 30.01
C ALA A 153 9.79 -46.06 28.80
N GLN A 154 9.82 -44.77 28.49
CA GLN A 154 10.63 -44.27 27.40
C GLN A 154 10.69 -42.75 27.50
N THR A 155 11.76 -42.18 26.96
CA THR A 155 11.92 -40.73 26.94
C THR A 155 10.68 -40.08 26.32
N PRO A 156 10.12 -39.02 26.92
CA PRO A 156 10.59 -38.34 28.13
C PRO A 156 9.88 -38.77 29.42
N PHE A 157 9.36 -39.99 29.45
CA PHE A 157 8.70 -40.53 30.63
C PHE A 157 9.44 -41.80 31.06
N SER A 158 10.64 -41.61 31.61
CA SER A 158 11.44 -42.74 32.05
C SER A 158 10.80 -43.49 33.22
N GLY A 159 9.88 -42.84 33.93
CA GLY A 159 9.22 -43.45 35.07
C GLY A 159 7.84 -44.02 34.81
N ALA A 160 7.36 -43.98 33.57
CA ALA A 160 6.02 -44.48 33.29
C ALA A 160 6.05 -46.00 33.13
N THR A 161 4.89 -46.61 33.37
CA THR A 161 4.68 -48.00 32.98
C THR A 161 3.97 -48.13 31.65
N GLY A 162 3.27 -47.08 31.21
CA GLY A 162 2.68 -47.07 29.89
C GLY A 162 2.87 -45.74 29.21
N THR A 163 3.23 -45.78 27.93
CA THR A 163 3.32 -44.59 27.10
C THR A 163 2.50 -44.82 25.83
N CYS A 164 2.03 -43.73 25.25
CA CYS A 164 1.28 -43.77 24.00
C CYS A 164 1.80 -42.61 23.16
N LYS A 165 2.55 -42.92 22.11
CA LYS A 165 3.35 -41.94 21.38
C LYS A 165 2.74 -41.66 20.01
N TYR A 166 2.51 -40.39 19.72
CA TYR A 166 1.93 -39.94 18.46
C TYR A 166 2.98 -39.15 17.68
N GLU A 167 3.18 -39.52 16.43
CA GLU A 167 4.07 -38.77 15.56
C GLU A 167 3.26 -38.16 14.43
N GLY A 168 3.54 -36.90 14.11
CA GLY A 168 2.94 -36.29 12.94
C GLY A 168 1.48 -35.91 13.10
N ILE A 169 1.05 -35.55 14.30
CA ILE A 169 -0.22 -34.85 14.44
C ILE A 169 -0.14 -33.56 13.63
N THR A 170 -1.21 -33.24 12.90
CA THR A 170 -1.20 -32.02 12.10
C THR A 170 -2.48 -31.21 12.33
N ALA A 171 -2.39 -29.92 12.04
CA ALA A 171 -3.56 -29.05 11.98
C ALA A 171 -3.44 -28.19 10.73
N THR A 172 -4.51 -28.15 9.95
CA THR A 172 -4.56 -27.36 8.71
C THR A 172 -5.96 -26.78 8.59
N ALA A 173 -6.05 -25.54 8.13
CA ALA A 173 -7.34 -24.91 7.87
C ALA A 173 -7.58 -24.83 6.38
N GLY A 174 -8.85 -24.81 6.00
CA GLY A 174 -9.20 -24.42 4.64
C GLY A 174 -8.70 -23.03 4.32
N GLU A 175 -8.75 -22.69 3.04
CA GLU A 175 -8.30 -21.36 2.61
C GLU A 175 -9.09 -20.27 3.32
N GLN A 176 -8.38 -19.39 4.03
CA GLN A 176 -9.00 -18.28 4.74
C GLN A 176 -9.10 -17.06 3.84
N SER A 177 -10.10 -16.23 4.10
CA SER A 177 -10.26 -14.98 3.37
C SER A 177 -10.82 -13.93 4.32
N CYS A 178 -10.45 -12.69 4.07
CA CYS A 178 -10.96 -11.57 4.85
C CYS A 178 -12.21 -11.02 4.21
N LYS A 179 -13.27 -10.92 5.00
CA LYS A 179 -14.56 -10.37 4.57
C LYS A 179 -14.74 -9.01 5.22
N TYR A 180 -15.07 -8.00 4.42
CA TYR A 180 -15.24 -6.64 4.92
C TYR A 180 -16.69 -6.20 4.73
N SER A 181 -17.21 -5.49 5.72
CA SER A 181 -18.53 -4.91 5.63
C SER A 181 -18.46 -3.58 4.88
N THR A 182 -19.64 -3.05 4.52
CA THR A 182 -19.71 -1.74 3.89
C THR A 182 -19.00 -0.70 4.73
N GLU A 183 -19.25 -0.71 6.03
CA GLU A 183 -18.65 0.31 6.90
C GLU A 183 -17.15 0.08 7.09
N ASP A 184 -16.70 -1.17 7.12
CA ASP A 184 -15.25 -1.43 7.10
C ASP A 184 -14.59 -0.65 5.98
N GLU A 185 -15.18 -0.72 4.78
CA GLU A 185 -14.55 -0.11 3.63
C GLU A 185 -14.77 1.41 3.61
N GLU A 186 -15.81 1.90 4.28
CA GLU A 186 -16.02 3.34 4.36
C GLU A 186 -15.07 3.99 5.34
N LYS A 187 -14.81 3.32 6.47
CA LYS A 187 -13.96 3.89 7.50
C LYS A 187 -12.48 3.66 7.22
N ILE A 188 -12.11 2.46 6.77
CA ILE A 188 -10.72 2.15 6.43
C ILE A 188 -10.60 2.46 4.94
N ASN A 189 -10.30 3.73 4.64
CA ASN A 189 -10.49 4.28 3.31
C ASN A 189 -9.51 5.43 3.13
N ALA A 190 -9.01 5.60 1.90
CA ALA A 190 -8.09 6.70 1.63
C ALA A 190 -8.70 8.05 2.00
N ALA A 191 -10.03 8.17 1.93
CA ALA A 191 -10.69 9.42 2.31
C ALA A 191 -10.38 9.83 3.75
N HIS A 192 -10.00 8.88 4.60
CA HIS A 192 -9.64 9.13 5.98
C HIS A 192 -8.14 9.03 6.23
N MET A 193 -7.32 9.18 5.19
CA MET A 193 -5.88 8.97 5.35
C MET A 193 -5.08 10.19 4.94
N ASN A 194 -5.68 11.37 5.02
CA ASN A 194 -4.90 12.58 4.87
C ASN A 194 -4.01 12.77 6.11
N PRO A 195 -2.82 13.36 5.94
CA PRO A 195 -1.92 13.49 7.09
C PRO A 195 -2.52 14.22 8.28
N GLU A 196 -3.45 15.15 8.03
CA GLU A 196 -3.94 16.00 9.11
C GLU A 196 -4.79 15.26 10.14
N VAL A 197 -5.24 14.03 9.84
CA VAL A 197 -6.10 13.30 10.75
C VAL A 197 -5.45 12.02 11.30
N MET A 198 -4.20 11.75 10.99
CA MET A 198 -3.56 10.50 11.41
C MET A 198 -2.54 10.78 12.52
N THR A 199 -2.75 10.15 13.69
CA THR A 199 -1.83 10.28 14.80
C THR A 199 -1.25 8.95 15.31
N GLN A 200 -1.79 7.81 14.87
CA GLN A 200 -1.39 6.51 15.40
C GLN A 200 -1.67 5.43 14.37
N ILE A 201 -1.05 4.27 14.59
CA ILE A 201 -1.44 3.08 13.86
C ILE A 201 -1.76 2.00 14.89
N THR A 202 -2.65 1.10 14.50
CA THR A 202 -3.01 -0.04 15.33
C THR A 202 -2.49 -1.30 14.66
N THR A 203 -1.85 -2.19 15.42
CA THR A 203 -1.29 -3.40 14.83
C THR A 203 -1.60 -4.59 15.72
N ILE A 204 -1.69 -5.76 15.09
CA ILE A 204 -1.79 -7.03 15.82
C ILE A 204 -0.49 -7.33 16.56
N GLY A 205 -0.62 -7.83 17.79
CA GLY A 205 0.56 -8.14 18.58
C GLY A 205 1.41 -9.23 17.94
N ASP A 206 2.72 -9.17 18.22
CA ASP A 206 3.72 -10.05 17.61
C ASP A 206 3.44 -11.52 17.83
N LYS A 207 2.86 -11.90 18.97
CA LYS A 207 2.72 -13.33 19.23
C LYS A 207 1.81 -14.01 18.19
N TYR A 208 0.94 -13.24 17.55
CA TYR A 208 0.12 -13.80 16.48
C TYR A 208 0.97 -14.27 15.31
N LEU A 209 2.10 -13.63 15.10
CA LEU A 209 3.01 -13.95 14.01
C LEU A 209 4.14 -14.90 14.41
N THR A 210 4.30 -15.19 15.70
CA THR A 210 5.45 -15.98 16.14
C THR A 210 5.09 -17.24 16.91
N THR A 211 3.89 -17.36 17.45
CA THR A 211 3.63 -18.33 18.50
C THR A 211 2.52 -19.28 18.11
N ILE A 212 2.78 -20.59 18.29
CA ILE A 212 1.75 -21.62 18.18
C ILE A 212 1.22 -21.88 19.59
N THR A 213 -0.10 -21.95 19.73
CA THR A 213 -0.75 -22.19 21.02
C THR A 213 -1.67 -23.39 20.89
N LEU A 214 -1.75 -24.22 21.93
CA LEU A 214 -2.62 -25.38 21.85
C LEU A 214 -3.01 -25.84 23.25
N ASP A 215 -4.14 -26.56 23.29
CA ASP A 215 -4.62 -27.28 24.47
C ASP A 215 -4.49 -28.77 24.20
N ALA A 216 -4.12 -29.53 25.22
CA ALA A 216 -4.01 -30.97 25.09
C ALA A 216 -4.38 -31.63 26.40
N ILE A 217 -4.84 -32.86 26.32
CA ILE A 217 -5.27 -33.61 27.49
C ILE A 217 -4.87 -35.08 27.31
N ALA A 218 -4.37 -35.68 28.38
CA ALA A 218 -4.08 -37.10 28.42
C ALA A 218 -5.18 -37.82 29.21
N GLY A 219 -5.47 -39.04 28.82
CA GLY A 219 -6.41 -39.87 29.57
C GLY A 219 -5.87 -41.26 29.84
N SER A 220 -6.18 -41.83 31.01
CA SER A 220 -5.66 -43.14 31.38
C SER A 220 -6.77 -43.94 32.04
N LYS A 221 -6.71 -45.25 31.84
CA LYS A 221 -7.61 -46.19 32.49
C LYS A 221 -6.87 -47.49 32.71
N GLY A 222 -7.06 -48.09 33.88
CA GLY A 222 -6.43 -49.37 34.13
C GLY A 222 -4.92 -49.27 34.16
N ASN A 223 -4.26 -50.25 33.55
CA ASN A 223 -2.81 -50.42 33.58
C ASN A 223 -2.30 -50.46 32.14
N PRO A 224 -2.22 -49.31 31.47
CA PRO A 224 -1.69 -49.30 30.10
C PRO A 224 -0.21 -49.60 30.08
N THR A 225 0.20 -50.45 29.14
CA THR A 225 1.61 -50.82 28.98
C THR A 225 1.92 -50.91 27.50
N GLN A 226 3.09 -51.45 27.18
CA GLN A 226 3.45 -51.69 25.79
C GLN A 226 2.49 -52.68 25.12
N SER A 227 1.81 -53.51 25.90
CA SER A 227 0.82 -54.45 25.39
C SER A 227 -0.45 -53.77 24.89
N SER A 228 -0.64 -52.48 25.20
CA SER A 228 -1.85 -51.76 24.82
C SER A 228 -1.79 -51.32 23.36
N ALA A 229 -1.68 -52.31 22.46
CA ALA A 229 -1.39 -52.03 21.06
C ALA A 229 -2.61 -52.14 20.14
N THR A 230 -3.82 -52.02 20.68
CA THR A 230 -5.03 -51.91 19.86
C THR A 230 -5.30 -50.43 19.63
N TYR A 231 -5.14 -49.98 18.38
CA TYR A 231 -5.07 -48.56 18.06
C TYR A 231 -6.29 -48.06 17.30
N ALA A 232 -7.38 -48.84 17.25
CA ALA A 232 -8.52 -48.50 16.41
C ALA A 232 -9.17 -47.18 16.77
N GLU A 233 -9.02 -46.71 18.01
CA GLU A 233 -9.61 -45.45 18.45
C GLU A 233 -8.59 -44.32 18.54
N GLN A 234 -7.44 -44.47 17.89
CA GLN A 234 -6.34 -43.50 17.94
C GLN A 234 -5.87 -43.28 19.38
N ASP A 235 -5.89 -44.36 20.16
CA ASP A 235 -5.25 -44.42 21.47
C ASP A 235 -4.72 -45.83 21.66
N CYS A 236 -4.13 -46.08 22.82
CA CYS A 236 -3.48 -47.36 23.13
C CYS A 236 -4.35 -48.12 24.11
N GLN A 237 -4.90 -49.26 23.67
CA GLN A 237 -5.79 -50.07 24.48
C GLN A 237 -5.42 -51.55 24.43
N ASP A 238 -5.72 -52.26 25.50
CA ASP A 238 -5.69 -53.72 25.50
C ASP A 238 -6.45 -54.22 26.71
N GLY A 239 -6.77 -55.52 26.69
CA GLY A 239 -7.52 -56.12 27.78
C GLY A 239 -9.02 -55.93 27.64
N GLY A 240 -9.79 -56.92 28.06
CA GLY A 240 -11.23 -56.83 27.93
C GLY A 240 -11.64 -56.72 26.47
N ASN A 241 -12.51 -55.75 26.18
CA ASN A 241 -12.97 -55.47 24.81
C ASN A 241 -12.61 -54.03 24.46
N PRO A 242 -11.43 -53.80 23.88
CA PRO A 242 -11.07 -52.45 23.45
C PRO A 242 -12.08 -51.88 22.48
N GLY A 243 -12.40 -50.60 22.66
CA GLY A 243 -13.38 -49.95 21.83
C GLY A 243 -13.49 -48.47 22.11
N PRO A 244 -14.55 -47.84 21.60
CA PRO A 244 -14.72 -46.40 21.81
C PRO A 244 -14.80 -46.06 23.29
N ASN A 245 -14.35 -44.85 23.61
CA ASN A 245 -14.43 -44.29 24.97
C ASN A 245 -13.70 -45.20 25.97
N PHE A 246 -12.48 -45.61 25.61
CA PHE A 246 -11.66 -46.46 26.47
C PHE A 246 -12.40 -47.74 26.83
N GLY A 247 -12.95 -48.41 25.82
CA GLY A 247 -13.70 -49.64 26.08
C GLY A 247 -12.88 -50.72 26.74
N GLY A 248 -11.58 -50.78 26.44
CA GLY A 248 -10.74 -51.83 26.96
C GLY A 248 -10.40 -51.65 28.42
N ALA A 249 -9.80 -52.70 28.99
CA ALA A 249 -9.46 -52.69 30.41
C ALA A 249 -8.34 -51.70 30.70
N ASN A 250 -7.37 -51.59 29.81
CA ASN A 250 -6.25 -50.68 29.94
C ASN A 250 -6.24 -49.75 28.74
N ALA A 251 -6.09 -48.45 29.00
CA ALA A 251 -6.13 -47.47 27.93
C ALA A 251 -5.26 -46.28 28.30
N LEU A 252 -4.58 -45.74 27.29
CA LEU A 252 -3.81 -44.50 27.42
C LEU A 252 -3.88 -43.76 26.10
N GLY A 253 -4.09 -42.45 26.17
CA GLY A 253 -4.15 -41.67 24.95
C GLY A 253 -4.08 -40.19 25.26
N LEU A 254 -3.96 -39.41 24.20
CA LEU A 254 -4.03 -37.96 24.31
C LEU A 254 -4.80 -37.41 23.13
N GLN A 255 -5.28 -36.18 23.28
CA GLN A 255 -5.87 -35.43 22.19
C GLN A 255 -5.41 -33.98 22.28
N VAL A 256 -5.14 -33.39 21.12
CA VAL A 256 -4.94 -31.95 21.01
C VAL A 256 -6.33 -31.38 20.72
N THR A 257 -6.91 -30.70 21.71
CA THR A 257 -8.33 -30.34 21.62
C THR A 257 -8.58 -29.03 20.91
N LYS A 258 -7.57 -28.18 20.77
CA LYS A 258 -7.66 -26.98 19.94
C LYS A 258 -6.28 -26.40 19.77
N LEU A 259 -6.12 -25.60 18.72
CA LEU A 259 -4.92 -24.80 18.51
C LEU A 259 -5.37 -23.39 18.14
N GLY A 260 -4.40 -22.49 18.09
CA GLY A 260 -4.68 -21.11 17.66
C GLY A 260 -4.29 -20.10 18.72
N THR A 261 -3.55 -19.08 18.29
CA THR A 261 -3.14 -17.98 19.16
C THR A 261 -4.09 -16.81 18.98
N LYS A 262 -4.54 -16.22 20.07
CA LYS A 262 -5.48 -15.10 20.02
C LYS A 262 -4.78 -13.83 19.56
N ALA A 263 -5.39 -13.13 18.60
CA ALA A 263 -4.88 -11.83 18.19
C ALA A 263 -5.16 -10.81 19.28
N THR A 264 -4.17 -9.95 19.54
CA THR A 264 -4.36 -8.77 20.38
C THR A 264 -4.01 -7.55 19.53
N THR A 265 -4.45 -6.37 19.96
CA THR A 265 -4.08 -5.17 19.21
C THR A 265 -3.28 -4.23 20.09
N GLU A 266 -2.50 -3.38 19.43
CA GLU A 266 -1.63 -2.41 20.10
C GLU A 266 -1.65 -1.12 19.31
N LYS A 267 -1.47 -0.01 20.02
CA LYS A 267 -1.42 1.31 19.39
C LYS A 267 -0.01 1.88 19.44
N THR A 268 0.40 2.53 18.36
CA THR A 268 1.72 3.15 18.25
C THR A 268 1.53 4.55 17.70
N ASN A 269 2.03 5.56 18.42
CA ASN A 269 1.90 6.93 17.97
C ASN A 269 2.89 7.26 16.85
N LEU A 270 2.43 8.08 15.92
CA LEU A 270 3.31 8.48 14.82
C LEU A 270 4.30 9.55 15.25
N TYR A 271 3.86 10.51 16.05
CA TYR A 271 4.65 11.70 16.36
C TYR A 271 5.07 11.71 17.83
N THR A 272 6.12 12.47 18.10
CA THR A 272 6.53 12.72 19.47
C THR A 272 5.45 13.54 20.19
N ALA A 273 5.67 13.76 21.49
CA ALA A 273 4.70 14.50 22.28
C ALA A 273 4.47 15.90 21.76
N GLY A 274 5.52 16.53 21.20
CA GLY A 274 5.38 17.85 20.61
C GLY A 274 4.56 17.86 19.34
N GLY A 275 4.39 16.70 18.70
CA GLY A 275 3.49 16.57 17.58
C GLY A 275 4.08 16.87 16.23
N THR A 276 5.32 17.36 16.16
CA THR A 276 5.93 17.71 14.89
C THR A 276 6.86 16.62 14.36
N GLU A 277 7.70 16.05 15.22
CA GLU A 277 8.74 15.12 14.83
C GLU A 277 8.21 13.69 14.87
N CYS A 278 8.78 12.84 14.00
CA CYS A 278 8.37 11.45 14.00
C CYS A 278 8.92 10.74 15.24
N GLU A 279 8.04 9.98 15.89
CA GLU A 279 8.47 9.05 16.90
C GLU A 279 9.12 7.83 16.22
N HIS A 280 9.86 7.06 17.00
CA HIS A 280 10.40 5.78 16.55
C HIS A 280 11.41 5.95 15.41
N GLN A 281 12.18 7.02 15.46
CA GLN A 281 13.30 7.16 14.54
C GLN A 281 14.25 5.97 14.71
N PRO A 282 14.77 5.41 13.62
CA PRO A 282 15.70 4.26 13.75
C PRO A 282 17.07 4.72 14.20
N GLY A 283 17.91 3.74 14.56
CA GLY A 283 19.27 4.03 14.97
C GLY A 283 19.45 4.26 16.45
N ASN A 284 18.40 4.10 17.25
CA ASN A 284 18.46 4.38 18.68
C ASN A 284 18.37 3.12 19.53
N GLY A 285 18.46 1.95 18.92
CA GLY A 285 18.26 0.70 19.64
C GLY A 285 17.30 -0.19 18.89
N PRO A 286 17.19 -1.45 19.32
CA PRO A 286 16.26 -2.39 18.65
C PRO A 286 14.84 -1.86 18.66
N GLN A 287 14.11 -2.15 17.57
CA GLN A 287 12.72 -1.71 17.44
C GLN A 287 11.82 -2.89 17.10
N LYS A 288 10.56 -2.75 17.48
CA LYS A 288 9.53 -3.71 17.10
C LYS A 288 8.94 -3.33 15.74
N THR A 289 8.25 -4.30 15.14
CA THR A 289 7.68 -4.08 13.81
C THR A 289 6.76 -2.85 13.81
N LYS A 290 5.91 -2.73 14.82
CA LYS A 290 4.98 -1.61 14.90
C LYS A 290 5.71 -0.27 14.94
N GLN A 291 6.88 -0.23 15.58
CA GLN A 291 7.63 1.01 15.67
C GLN A 291 8.27 1.38 14.33
N ARG A 292 8.85 0.39 13.65
CA ARG A 292 9.39 0.66 12.32
CA ARG A 292 9.39 0.63 12.31
C ARG A 292 8.29 1.11 11.37
N LEU A 293 7.12 0.49 11.44
CA LEU A 293 6.02 0.89 10.56
C LEU A 293 5.56 2.30 10.89
N ALA A 294 5.41 2.61 12.18
CA ALA A 294 4.96 3.96 12.55
C ALA A 294 5.92 5.02 12.04
N TYR A 295 7.22 4.75 12.11
CA TYR A 295 8.19 5.73 11.64
C TYR A 295 8.02 5.97 10.14
N LEU A 296 7.90 4.89 9.37
CA LEU A 296 7.78 5.05 7.92
C LEU A 296 6.49 5.77 7.55
N VAL A 297 5.40 5.44 8.22
CA VAL A 297 4.12 6.08 7.95
C VAL A 297 4.19 7.56 8.29
N CYS A 298 4.81 7.88 9.43
CA CYS A 298 4.96 9.28 9.82
C CYS A 298 5.76 10.05 8.75
N GLU A 299 6.91 9.52 8.33
CA GLU A 299 7.71 10.26 7.34
C GLU A 299 6.96 10.37 6.01
N ALA A 300 6.25 9.31 5.62
CA ALA A 300 5.45 9.37 4.39
C ALA A 300 4.35 10.41 4.50
N ASN A 301 3.74 10.53 5.68
CA ASN A 301 2.71 11.55 5.87
C ASN A 301 3.31 12.96 5.82
N LYS A 302 4.50 13.14 6.41
CA LYS A 302 5.12 14.46 6.42
C LYS A 302 5.69 14.87 5.07
N ALA A 303 5.97 13.91 4.19
CA ALA A 303 6.59 14.22 2.89
C ALA A 303 5.51 14.59 1.88
N ALA A 304 4.91 15.76 2.10
CA ALA A 304 3.83 16.23 1.23
C ALA A 304 4.36 16.51 -0.17
N ILE A 305 3.60 16.06 -1.17
CA ILE A 305 3.92 16.30 -2.57
C ILE A 305 3.32 17.63 -3.00
N ILE A 306 4.09 18.40 -3.76
CA ILE A 306 3.64 19.66 -4.32
C ILE A 306 3.46 19.47 -5.83
N THR A 307 2.24 19.63 -6.29
CA THR A 307 1.91 19.47 -7.70
CA THR A 307 1.90 19.47 -7.70
C THR A 307 1.87 20.83 -8.37
N PRO A 308 2.55 21.01 -9.50
CA PRO A 308 2.56 22.31 -10.16
C PRO A 308 1.24 22.56 -10.88
N THR A 309 1.12 23.79 -11.38
CA THR A 309 -0.04 24.19 -12.16
C THR A 309 -0.27 23.22 -13.32
N ASP A 310 -1.52 22.89 -13.57
CA ASP A 310 -1.89 22.09 -14.73
C ASP A 310 -1.88 22.99 -15.96
N LEU A 311 -0.89 22.82 -16.84
CA LEU A 311 -0.73 23.68 -18.00
C LEU A 311 -1.92 23.57 -18.96
N GLN A 312 -2.46 22.36 -19.14
CA GLN A 312 -3.52 22.16 -20.12
C GLN A 312 -4.82 22.84 -19.75
N THR A 313 -5.01 23.19 -18.48
CA THR A 313 -6.21 23.92 -18.05
C THR A 313 -5.85 25.30 -17.50
N LEU A 314 -4.69 25.81 -17.87
CA LEU A 314 -4.21 27.09 -17.37
C LEU A 314 -5.19 28.21 -17.74
N THR A 315 -5.45 29.10 -16.79
CA THR A 315 -6.24 30.30 -17.05
C THR A 315 -5.33 31.50 -17.22
N LEU A 316 -5.88 32.57 -17.81
CA LEU A 316 -5.10 33.78 -17.99
C LEU A 316 -4.63 34.33 -16.65
N ASP A 317 -5.53 34.41 -15.67
CA ASP A 317 -5.17 34.99 -14.39
C ASP A 317 -4.09 34.18 -13.69
N ALA A 318 -4.16 32.84 -13.80
CA ALA A 318 -3.14 32.00 -13.21
C ALA A 318 -1.78 32.23 -13.85
N LEU A 319 -1.77 32.46 -15.17
CA LEU A 319 -0.51 32.65 -15.88
C LEU A 319 0.17 33.96 -15.46
N ILE A 320 -0.55 35.08 -15.53
CA ILE A 320 0.10 36.35 -15.23
C ILE A 320 0.35 36.51 -13.75
N SER A 321 -0.36 35.76 -12.90
CA SER A 321 -0.08 35.76 -11.47
C SER A 321 1.11 34.89 -11.11
N ALA A 322 1.48 33.96 -11.98
CA ALA A 322 2.56 33.04 -11.66
C ALA A 322 3.87 33.80 -11.46
N PRO A 323 4.60 33.55 -10.38
CA PRO A 323 5.84 34.33 -10.14
C PRO A 323 6.89 34.12 -11.22
N GLU A 324 6.98 32.92 -11.78
CA GLU A 324 8.00 32.65 -12.80
C GLU A 324 7.80 33.47 -14.06
N MET A 325 6.57 33.93 -14.33
CA MET A 325 6.30 34.68 -15.55
C MET A 325 6.83 36.10 -15.52
N ALA A 326 7.29 36.58 -14.36
CA ALA A 326 7.85 37.93 -14.29
C ALA A 326 9.15 38.02 -15.08
N ALA A 327 10.11 37.15 -14.78
CA ALA A 327 11.38 37.16 -15.51
C ALA A 327 11.21 36.63 -16.93
N ILE A 328 10.33 35.65 -17.14
CA ILE A 328 10.12 35.12 -18.48
C ILE A 328 9.51 36.18 -19.37
N GLY A 329 8.45 36.84 -18.90
CA GLY A 329 7.85 37.91 -19.69
C GLY A 329 8.81 39.05 -19.93
N ASP A 330 9.60 39.42 -18.92
CA ASP A 330 10.63 40.42 -19.10
C ASP A 330 11.61 40.00 -20.20
N ALA A 331 11.90 38.71 -20.28
CA ALA A 331 12.87 38.23 -21.26
C ALA A 331 12.30 38.26 -22.68
N LEU A 332 11.01 37.95 -22.82
CA LEU A 332 10.42 37.79 -24.14
C LEU A 332 9.58 38.98 -24.60
N LEU A 333 9.16 39.84 -23.67
CA LEU A 333 8.29 40.94 -24.03
C LEU A 333 9.00 42.28 -23.77
N GLN A 353 1.14 43.72 -17.55
CA GLN A 353 0.39 44.33 -18.64
C GLN A 353 0.95 43.89 -19.98
N LEU A 354 2.28 43.82 -20.07
CA LEU A 354 2.92 43.21 -21.23
C LEU A 354 2.46 41.78 -21.43
N LEU A 355 2.20 41.05 -20.33
CA LEU A 355 1.70 39.69 -20.45
C LEU A 355 0.29 39.66 -21.01
N LYS A 356 -0.56 40.57 -20.55
CA LYS A 356 -1.92 40.65 -21.09
C LYS A 356 -1.90 41.02 -22.58
N LYS A 357 -0.95 41.85 -22.99
CA LYS A 357 -0.84 42.21 -24.40
C LYS A 357 -0.54 40.98 -25.26
N ALA A 358 0.23 40.04 -24.72
CA ALA A 358 0.62 38.85 -25.48
C ALA A 358 -0.41 37.72 -25.38
N TYR A 359 -1.00 37.53 -24.19
CA TYR A 359 -1.87 36.39 -23.94
C TYR A 359 -3.34 36.73 -23.90
N GLY A 360 -3.69 38.01 -23.90
CA GLY A 360 -5.09 38.40 -23.91
C GLY A 360 -5.49 39.27 -22.73
N GLN A 361 -6.49 40.12 -22.94
CA GLN A 361 -7.01 40.93 -21.85
C GLN A 361 -8.01 40.15 -20.99
N THR A 362 -8.63 39.11 -21.54
CA THR A 362 -9.58 38.28 -20.82
C THR A 362 -9.14 36.82 -20.89
N ASN A 363 -9.72 36.00 -20.02
CA ASN A 363 -9.43 34.57 -20.08
C ASN A 363 -10.04 33.93 -21.31
N GLU A 364 -11.20 34.44 -21.76
CA GLU A 364 -11.79 33.94 -22.99
C GLU A 364 -10.82 34.06 -24.16
N GLN A 365 -10.16 35.21 -24.30
CA GLN A 365 -9.17 35.38 -25.35
C GLN A 365 -7.99 34.42 -25.16
N PHE A 366 -7.54 34.25 -23.92
CA PHE A 366 -6.42 33.37 -23.65
C PHE A 366 -6.78 31.92 -23.97
N GLN A 367 -7.92 31.45 -23.48
CA GLN A 367 -8.37 30.10 -23.81
C GLN A 367 -8.49 29.92 -25.31
N LYS A 368 -9.03 30.92 -26.01
CA LYS A 368 -9.21 30.84 -27.46
C LYS A 368 -7.89 30.64 -28.17
N ASN A 369 -6.87 31.43 -27.81
CA ASN A 369 -5.64 31.48 -28.58
C ASN A 369 -4.58 30.48 -28.12
N PHE A 370 -4.65 29.99 -26.89
CA PHE A 370 -3.54 29.23 -26.33
C PHE A 370 -3.92 27.91 -25.67
N ILE A 371 -5.19 27.67 -25.34
CA ILE A 371 -5.61 26.44 -24.66
C ILE A 371 -6.47 25.57 -25.57
N LYS A 372 -7.57 26.12 -26.09
CA LYS A 372 -8.45 25.33 -26.93
C LYS A 372 -7.79 24.75 -28.19
N PRO A 373 -6.81 25.40 -28.84
CA PRO A 373 -6.15 24.74 -29.98
C PRO A 373 -5.54 23.39 -29.67
N LEU A 374 -5.21 23.09 -28.41
CA LEU A 374 -4.58 21.81 -28.10
C LEU A 374 -5.49 20.65 -28.46
N ALA A 375 -6.79 20.79 -28.20
CA ALA A 375 -7.73 19.69 -28.41
C ALA A 375 -8.54 19.80 -29.69
N ALA A 376 -8.68 20.99 -30.25
CA ALA A 376 -9.57 21.20 -31.40
C ALA A 376 -8.86 21.46 -32.71
N GLN A 377 -7.66 22.05 -32.68
CA GLN A 377 -6.97 22.38 -33.93
C GLN A 377 -6.42 21.11 -34.57
N THR A 378 -6.86 20.84 -35.79
CA THR A 378 -6.40 19.67 -36.54
C THR A 378 -5.16 20.03 -37.35
N VAL A 379 -4.19 19.13 -37.34
CA VAL A 379 -2.96 19.27 -38.11
C VAL A 379 -2.92 18.13 -39.12
N LYS A 380 -2.68 18.47 -40.39
CA LYS A 380 -2.67 17.47 -41.45
C LYS A 380 -1.47 17.72 -42.36
N PHE A 381 -0.82 16.63 -42.79
CA PHE A 381 0.32 16.70 -43.70
C PHE A 381 0.68 15.27 -44.12
N LYS A 382 1.63 15.18 -45.04
CA LYS A 382 2.09 13.88 -45.53
C LYS A 382 3.53 14.01 -45.99
N ILE A 383 4.41 13.16 -45.47
CA ILE A 383 5.82 13.19 -45.82
C ILE A 383 6.41 11.79 -45.77
N VAL A 388 -0.71 11.95 -42.36
CA VAL A 388 -0.92 12.27 -40.96
C VAL A 388 -1.98 13.35 -40.79
N SER A 389 -2.96 13.07 -39.93
CA SER A 389 -4.02 14.03 -39.63
C SER A 389 -4.48 13.79 -38.20
N ASN A 390 -4.26 14.77 -37.32
CA ASN A 390 -4.59 14.61 -35.92
C ASN A 390 -4.65 15.98 -35.27
N THR A 391 -5.29 16.02 -34.10
CA THR A 391 -5.33 17.25 -33.31
C THR A 391 -3.98 17.47 -32.63
N VAL A 392 -3.74 18.74 -32.25
CA VAL A 392 -2.40 19.17 -31.82
C VAL A 392 -1.89 18.31 -30.67
N ALA A 393 -2.66 18.22 -29.58
CA ALA A 393 -2.16 17.56 -28.38
C ALA A 393 -1.96 16.06 -28.60
N ALA A 394 -2.91 15.41 -29.26
CA ALA A 394 -2.75 13.99 -29.56
C ALA A 394 -1.58 13.75 -30.51
N LEU A 395 -1.41 14.63 -31.50
CA LEU A 395 -0.33 14.48 -32.45
C LEU A 395 1.03 14.54 -31.77
N MET A 396 1.21 15.52 -30.88
CA MET A 396 2.50 15.68 -30.22
C MET A 396 2.74 14.67 -29.10
N SER A 397 1.83 13.72 -28.90
CA SER A 397 2.07 12.57 -28.03
C SER A 397 1.99 11.26 -28.81
N SER A 398 2.03 11.34 -30.13
CA SER A 398 1.86 10.23 -31.05
C SER A 398 3.19 9.84 -31.69
N PRO A 399 3.24 8.72 -32.42
CA PRO A 399 4.47 8.37 -33.13
C PRO A 399 4.95 9.40 -34.13
N ASN A 400 4.08 10.29 -34.59
CA ASN A 400 4.44 11.32 -35.57
C ASN A 400 4.69 12.67 -34.91
N SER A 401 4.88 12.69 -33.59
CA SER A 401 5.11 13.95 -32.88
C SER A 401 6.33 14.68 -33.45
N GLY A 402 7.50 14.05 -33.39
CA GLY A 402 8.70 14.69 -33.87
C GLY A 402 8.63 15.03 -35.35
N LEU A 403 8.01 14.16 -36.15
CA LEU A 403 7.92 14.42 -37.58
C LEU A 403 7.00 15.60 -37.89
N ALA A 404 5.95 15.78 -37.09
CA ALA A 404 5.09 16.95 -37.26
C ALA A 404 5.86 18.23 -36.97
N LEU A 405 6.70 18.22 -35.94
CA LEU A 405 7.50 19.39 -35.61
C LEU A 405 8.47 19.72 -36.74
N ALA A 406 9.18 18.70 -37.25
CA ALA A 406 10.15 18.93 -38.31
C ALA A 406 9.49 19.42 -39.59
N TYR A 407 8.31 18.89 -39.91
CA TYR A 407 7.61 19.32 -41.10
C TYR A 407 7.30 20.81 -41.06
N HIS A 408 6.74 21.29 -39.95
CA HIS A 408 6.34 22.69 -39.89
C HIS A 408 7.52 23.62 -39.62
N LYS A 409 8.54 23.15 -38.90
CA LYS A 409 9.77 23.92 -38.75
C LYS A 409 10.53 23.95 -40.07
#